data_8BX4
#
_entry.id   8BX4
#
_cell.length_a   81.967
_cell.length_b   112.681
_cell.length_c   62.627
_cell.angle_alpha   90.00
_cell.angle_beta   90.00
_cell.angle_gamma   90.00
#
_symmetry.space_group_name_H-M   'C 2 2 21'
#
loop_
_entity.id
_entity.type
_entity.pdbx_description
1 polymer '14-3-3 protein sigma'
2 polymer 'ERalpha peptide'
3 non-polymer 2-[3,4-bis(chloranyl)phenoxy]-~{N}-[3-(5-carbamimidoylthiophen-3-yl)phenyl]-2-methyl-propanamide
4 water water
#
loop_
_entity_poly.entity_id
_entity_poly.type
_entity_poly.pdbx_seq_one_letter_code
_entity_poly.pdbx_strand_id
1 'polypeptide(L)'
;GAMGSMERASLIQKAKLAEQAERYEDMAAFMKGAVEKGEELSCEERNLLSVAYKNVVGGQRAAWRVLSSIEQKSNEEGSE
EKGPEVREYREKVETELQGVCDTVLGLLDSHLIKEAGDAESRVFYLKMKGDYYRYLAEVATGDDKKRIIDSARSAYQEAM
DISKKEMPPTNPIRLGLALNFSVFHYEIANSPEEAISLAKTTFDEAMADLHTLSEDSYKDSTLIMQLLRDNLTLWT
;
A
2 'polypeptide(L)' FPA(TPO)V B
#
loop_
_chem_comp.id
_chem_comp.type
_chem_comp.name
_chem_comp.formula
RZC non-polymer 2-[3,4-bis(chloranyl)phenoxy]-~{N}-[3-(5-carbamimidoylthiophen-3-yl)phenyl]-2-methyl-propanamide 'C21 H19 Cl2 N3 O2 S'
#
# COMPACT_ATOMS: atom_id res chain seq x y z
N GLY A 1 9.44 -20.52 10.23
CA GLY A 1 10.03 -19.16 10.12
C GLY A 1 11.50 -19.17 10.50
N ALA A 2 12.34 -18.70 9.57
CA ALA A 2 13.77 -18.61 9.85
C ALA A 2 14.09 -17.57 10.91
N MET A 3 13.12 -16.74 11.30
CA MET A 3 13.30 -15.78 12.38
C MET A 3 12.77 -16.29 13.71
N GLY A 4 12.33 -17.54 13.75
CA GLY A 4 11.69 -18.03 14.97
C GLY A 4 12.59 -18.07 16.18
N SER A 5 13.90 -18.20 15.98
CA SER A 5 14.83 -18.27 17.09
C SER A 5 15.31 -16.90 17.56
N MET A 6 14.95 -15.82 16.88
CA MET A 6 15.42 -14.49 17.27
C MET A 6 14.40 -13.76 18.14
N GLU A 7 14.90 -13.08 19.19
CA GLU A 7 14.05 -12.27 20.06
C GLU A 7 13.25 -11.22 19.28
N ARG A 8 11.99 -11.03 19.70
CA ARG A 8 11.17 -9.99 19.09
C ARG A 8 11.88 -8.64 19.09
N ALA A 9 12.45 -8.24 20.23
CA ALA A 9 13.08 -6.92 20.32
C ALA A 9 14.29 -6.83 19.40
N SER A 10 15.01 -7.94 19.24
CA SER A 10 16.16 -7.99 18.34
C SER A 10 15.73 -7.86 16.88
N LEU A 11 14.61 -8.48 16.52
CA LEU A 11 14.07 -8.33 15.16
C LEU A 11 13.71 -6.88 14.88
N ILE A 12 13.06 -6.21 15.82
CA ILE A 12 12.70 -4.80 15.64
C ILE A 12 13.97 -3.95 15.53
N GLN A 13 14.96 -4.20 16.38
CA GLN A 13 16.22 -3.45 16.30
C GLN A 13 16.87 -3.63 14.94
N LYS A 14 16.90 -4.88 14.44
CA LYS A 14 17.55 -5.14 13.18
C LYS A 14 16.73 -4.60 12.00
N ALA A 15 15.42 -4.57 12.11
CA ALA A 15 14.63 -3.89 11.08
C ALA A 15 15.05 -2.43 10.94
N LYS A 16 15.26 -1.75 12.07
CA LYS A 16 15.69 -0.35 12.04
C LYS A 16 17.08 -0.20 11.44
N LEU A 17 17.98 -1.13 11.76
CA LEU A 17 19.31 -1.10 11.17
C LEU A 17 19.24 -1.35 9.66
N ALA A 18 18.40 -2.29 9.24
CA ALA A 18 18.26 -2.59 7.83
C ALA A 18 17.72 -1.37 7.08
N GLU A 19 16.78 -0.64 7.69
CA GLU A 19 16.29 0.59 7.07
C GLU A 19 17.42 1.59 6.87
N GLN A 20 18.25 1.79 7.89
CA GLN A 20 19.38 2.73 7.79
C GLN A 20 20.32 2.33 6.67
N ALA A 21 20.49 1.01 6.46
CA ALA A 21 21.35 0.47 5.43
C ALA A 21 20.66 0.32 4.08
N GLU A 22 19.38 0.70 3.97
CA GLU A 22 18.60 0.58 2.73
C GLU A 22 18.52 -0.87 2.25
N ARG A 23 18.42 -1.78 3.20
CA ARG A 23 18.29 -3.21 2.96
C ARG A 23 16.86 -3.62 3.25
N TYR A 24 15.95 -3.27 2.33
CA TYR A 24 14.52 -3.37 2.63
C TYR A 24 14.01 -4.79 2.60
N GLU A 25 14.60 -5.67 1.78
CA GLU A 25 14.24 -7.08 1.84
C GLU A 25 14.55 -7.64 3.23
N ASP A 26 15.74 -7.36 3.76
CA ASP A 26 16.05 -7.77 5.13
C ASP A 26 15.04 -7.15 6.11
N MET A 27 14.76 -5.86 5.97
CA MET A 27 13.81 -5.18 6.85
C MET A 27 12.49 -5.88 6.89
N ALA A 28 11.97 -6.24 5.72
CA ALA A 28 10.69 -6.93 5.64
C ALA A 28 10.76 -8.29 6.29
N ALA A 29 11.85 -9.02 6.09
CA ALA A 29 11.97 -10.34 6.72
C ALA A 29 12.01 -10.22 8.24
N PHE A 30 12.71 -9.22 8.76
CA PHE A 30 12.76 -9.02 10.20
C PHE A 30 11.36 -8.68 10.73
N MET A 31 10.63 -7.82 10.01
CA MET A 31 9.34 -7.41 10.52
C MET A 31 8.31 -8.55 10.37
N LYS A 32 8.42 -9.38 9.34
CA LYS A 32 7.57 -10.58 9.27
C LYS A 32 7.83 -11.48 10.48
N GLY A 33 9.10 -11.67 10.83
CA GLY A 33 9.42 -12.44 12.00
C GLY A 33 8.82 -11.84 13.26
N ALA A 34 8.86 -10.50 13.38
CA ALA A 34 8.29 -9.86 14.55
C ALA A 34 6.77 -10.08 14.60
N VAL A 35 6.09 -9.91 13.46
CA VAL A 35 4.65 -10.15 13.45
C VAL A 35 4.35 -11.58 13.88
N GLU A 36 5.14 -12.54 13.42
CA GLU A 36 4.88 -13.94 13.70
C GLU A 36 5.15 -14.31 15.16
N LYS A 37 5.73 -13.42 15.96
CA LYS A 37 5.76 -13.67 17.41
C LYS A 37 4.37 -13.66 18.03
N GLY A 38 3.38 -13.11 17.34
CA GLY A 38 2.00 -13.24 17.76
C GLY A 38 1.47 -12.07 18.59
N GLU A 39 2.32 -11.18 19.04
CA GLU A 39 1.89 -10.00 19.79
C GLU A 39 1.41 -8.90 18.84
N GLU A 40 0.50 -8.06 19.33
CA GLU A 40 0.11 -6.87 18.58
C GLU A 40 1.32 -5.97 18.36
N LEU A 41 1.21 -5.11 17.33
CA LEU A 41 2.27 -4.17 16.98
C LEU A 41 1.96 -2.79 17.51
N SER A 42 2.97 -2.11 18.01
CA SER A 42 2.83 -0.71 18.37
C SER A 42 2.74 0.17 17.12
N CYS A 43 2.46 1.45 17.30
CA CYS A 43 2.40 2.37 16.17
C CYS A 43 3.71 2.37 15.39
N GLU A 44 4.85 2.50 16.09
CA GLU A 44 6.14 2.53 15.42
C GLU A 44 6.36 1.23 14.65
N GLU A 45 6.02 0.10 15.27
CA GLU A 45 6.23 -1.19 14.64
C GLU A 45 5.37 -1.37 13.40
N ARG A 46 4.13 -0.89 13.44
CA ARG A 46 3.28 -0.98 12.26
C ARG A 46 3.89 -0.22 11.10
N ASN A 47 4.46 0.96 11.38
CA ASN A 47 5.07 1.73 10.32
C ASN A 47 6.37 1.12 9.83
N LEU A 48 7.14 0.44 10.70
CA LEU A 48 8.29 -0.30 10.20
C LEU A 48 7.87 -1.40 9.25
N LEU A 49 6.78 -2.10 9.57
CA LEU A 49 6.26 -3.15 8.70
C LEU A 49 5.85 -2.59 7.35
N SER A 50 5.08 -1.49 7.37
CA SER A 50 4.60 -0.91 6.12
C SER A 50 5.75 -0.35 5.29
N VAL A 51 6.71 0.34 5.91
CA VAL A 51 7.84 0.90 5.16
C VAL A 51 8.61 -0.21 4.44
N ALA A 52 8.86 -1.31 5.14
CA ALA A 52 9.66 -2.40 4.58
C ALA A 52 8.99 -2.96 3.33
N TYR A 53 7.75 -3.39 3.46
CA TYR A 53 7.10 -4.04 2.32
C TYR A 53 6.75 -3.04 1.23
N LYS A 54 6.47 -1.78 1.58
CA LYS A 54 6.22 -0.78 0.52
C LYS A 54 7.42 -0.62 -0.38
N ASN A 55 8.62 -0.63 0.20
CA ASN A 55 9.84 -0.49 -0.57
C ASN A 55 10.11 -1.73 -1.39
N VAL A 56 9.90 -2.91 -0.82
CA VAL A 56 10.10 -4.14 -1.58
C VAL A 56 9.14 -4.20 -2.77
N VAL A 57 7.83 -4.07 -2.50
CA VAL A 57 6.88 -4.23 -3.59
C VAL A 57 6.99 -3.05 -4.56
N GLY A 58 7.41 -1.88 -4.07
CA GLY A 58 7.56 -0.74 -4.97
C GLY A 58 8.62 -0.98 -6.03
N GLY A 59 9.72 -1.60 -5.65
CA GLY A 59 10.73 -1.98 -6.62
C GLY A 59 10.23 -3.02 -7.60
N GLN A 60 9.46 -4.00 -7.10
CA GLN A 60 8.92 -5.02 -7.99
C GLN A 60 7.94 -4.40 -8.99
N ARG A 61 7.10 -3.48 -8.51
CA ARG A 61 6.14 -2.84 -9.41
C ARG A 61 6.85 -2.04 -10.49
N ALA A 62 7.90 -1.31 -10.11
CA ALA A 62 8.65 -0.54 -11.08
C ALA A 62 9.25 -1.45 -12.14
N ALA A 63 9.83 -2.56 -11.70
CA ALA A 63 10.42 -3.51 -12.65
C ALA A 63 9.36 -4.11 -13.57
N TRP A 64 8.24 -4.52 -12.97
CA TRP A 64 7.14 -5.08 -13.75
C TRP A 64 6.67 -4.11 -14.82
N ARG A 65 6.60 -2.82 -14.52
CA ARG A 65 6.12 -1.86 -15.49
C ARG A 65 7.11 -1.72 -16.64
N VAL A 66 8.41 -1.71 -16.32
CA VAL A 66 9.44 -1.66 -17.37
C VAL A 66 9.29 -2.85 -18.29
N LEU A 67 9.16 -4.04 -17.72
CA LEU A 67 9.12 -5.27 -18.51
C LEU A 67 7.82 -5.36 -19.28
N SER A 68 6.71 -4.95 -18.67
CA SER A 68 5.42 -4.98 -19.37
C SER A 68 5.44 -4.03 -20.56
N SER A 69 6.10 -2.88 -20.41
CA SER A 69 6.23 -1.94 -21.52
C SER A 69 7.04 -2.53 -22.66
N ILE A 70 8.15 -3.17 -22.34
CA ILE A 70 8.96 -3.83 -23.37
C ILE A 70 8.13 -4.92 -24.05
N GLU A 71 7.38 -5.68 -23.26
CA GLU A 71 6.56 -6.76 -23.80
C GLU A 71 5.49 -6.22 -24.76
N GLN A 72 4.85 -5.11 -24.39
CA GLN A 72 3.80 -4.57 -25.24
C GLN A 72 4.38 -4.07 -26.57
N LYS A 73 5.54 -3.43 -26.53
CA LYS A 73 6.19 -3.02 -27.77
C LYS A 73 6.59 -4.23 -28.62
N SER A 74 7.10 -5.28 -27.97
CA SER A 74 7.45 -6.49 -28.70
C SER A 74 6.26 -7.11 -29.40
N ASN A 75 5.04 -6.79 -28.97
CA ASN A 75 3.83 -7.32 -29.59
C ASN A 75 3.09 -6.28 -30.44
N GLU A 76 3.77 -5.23 -30.87
CA GLU A 76 3.20 -4.24 -31.77
C GLU A 76 3.38 -4.69 -33.20
N GLU A 77 2.41 -4.36 -34.05
CA GLU A 77 2.49 -4.71 -35.47
C GLU A 77 3.76 -4.13 -36.09
N GLY A 78 4.69 -5.00 -36.50
CA GLY A 78 5.93 -4.59 -37.13
C GLY A 78 7.19 -5.01 -36.39
N SER A 79 7.06 -5.41 -35.13
CA SER A 79 8.23 -5.67 -34.30
C SER A 79 8.87 -7.01 -34.66
N GLU A 80 10.17 -7.11 -34.40
CA GLU A 80 10.90 -8.35 -34.65
C GLU A 80 10.65 -9.33 -33.50
N GLU A 81 10.04 -10.46 -33.82
CA GLU A 81 9.94 -11.55 -32.86
C GLU A 81 11.29 -11.75 -32.17
N LYS A 82 11.26 -11.97 -30.87
CA LYS A 82 12.49 -12.26 -30.14
C LYS A 82 12.33 -13.42 -29.18
N GLY A 83 11.22 -14.16 -29.27
CA GLY A 83 11.06 -15.38 -28.53
C GLY A 83 10.28 -15.14 -27.24
N PRO A 84 10.22 -16.18 -26.41
CA PRO A 84 9.40 -16.13 -25.20
C PRO A 84 10.03 -15.37 -24.02
N GLU A 85 11.26 -14.85 -24.18
CA GLU A 85 12.05 -14.45 -23.02
C GLU A 85 11.45 -13.24 -22.30
N VAL A 86 10.94 -12.25 -23.04
CA VAL A 86 10.39 -11.06 -22.39
C VAL A 86 9.19 -11.45 -21.54
N ARG A 87 8.28 -12.23 -22.12
CA ARG A 87 7.12 -12.71 -21.37
C ARG A 87 7.56 -13.53 -20.16
N GLU A 88 8.51 -14.45 -20.36
CA GLU A 88 8.96 -15.31 -19.27
C GLU A 88 9.48 -14.47 -18.11
N TYR A 89 10.29 -13.47 -18.42
CA TYR A 89 10.92 -12.72 -17.34
C TYR A 89 9.91 -11.76 -16.68
N ARG A 90 8.99 -11.17 -17.47
CA ARG A 90 7.89 -10.42 -16.86
C ARG A 90 7.09 -11.32 -15.92
N GLU A 91 6.80 -12.55 -16.34
CA GLU A 91 6.08 -13.50 -15.51
C GLU A 91 6.85 -13.82 -14.24
N LYS A 92 8.18 -13.96 -14.34
CA LYS A 92 8.98 -14.25 -13.16
C LYS A 92 8.86 -13.13 -12.14
N VAL A 93 9.02 -11.89 -12.58
CA VAL A 93 8.90 -10.75 -11.68
C VAL A 93 7.48 -10.66 -11.13
N GLU A 94 6.49 -10.87 -11.99
CA GLU A 94 5.10 -10.84 -11.56
C GLU A 94 4.81 -11.87 -10.48
N THR A 95 5.33 -13.09 -10.63
CA THR A 95 5.09 -14.13 -9.63
C THR A 95 5.75 -13.76 -8.30
N GLU A 96 6.94 -13.17 -8.35
CA GLU A 96 7.61 -12.76 -7.12
C GLU A 96 6.83 -11.64 -6.44
N LEU A 97 6.31 -10.69 -7.23
CA LEU A 97 5.45 -9.63 -6.70
C LEU A 97 4.20 -10.20 -6.04
N GLN A 98 3.53 -11.13 -6.72
CA GLN A 98 2.32 -11.73 -6.14
C GLN A 98 2.67 -12.46 -4.86
N GLY A 99 3.84 -13.08 -4.81
CA GLY A 99 4.25 -13.74 -3.58
C GLY A 99 4.40 -12.79 -2.41
N VAL A 100 5.02 -11.63 -2.64
CA VAL A 100 5.18 -10.64 -1.57
C VAL A 100 3.80 -10.14 -1.14
N CYS A 101 2.92 -9.84 -2.09
CA CYS A 101 1.57 -9.40 -1.73
C CYS A 101 0.85 -10.45 -0.91
N ASP A 102 0.92 -11.72 -1.34
CA ASP A 102 0.27 -12.78 -0.58
C ASP A 102 0.86 -12.91 0.82
N THR A 103 2.17 -12.70 0.96
CA THR A 103 2.78 -12.75 2.29
C THR A 103 2.22 -11.65 3.18
N VAL A 104 2.17 -10.41 2.68
CA VAL A 104 1.64 -9.32 3.49
C VAL A 104 0.18 -9.59 3.85
N LEU A 105 -0.64 -9.96 2.84
CA LEU A 105 -2.04 -10.25 3.11
C LEU A 105 -2.19 -11.37 4.12
N GLY A 106 -1.29 -12.35 4.06
CA GLY A 106 -1.32 -13.43 5.05
C GLY A 106 -1.03 -12.95 6.46
N LEU A 107 -0.07 -12.04 6.62
CA LEU A 107 0.18 -11.49 7.94
C LEU A 107 -1.03 -10.71 8.46
N LEU A 108 -1.69 -9.95 7.58
CA LEU A 108 -2.86 -9.19 8.01
C LEU A 108 -3.99 -10.14 8.41
N ASP A 109 -4.12 -11.26 7.71
CA ASP A 109 -5.19 -12.20 8.00
C ASP A 109 -4.86 -13.12 9.14
N SER A 110 -3.57 -13.24 9.50
CA SER A 110 -3.12 -14.20 10.54
C SER A 110 -2.03 -13.54 11.39
N HIS A 111 -2.43 -12.68 12.34
CA HIS A 111 -3.80 -12.36 12.72
C HIS A 111 -3.92 -10.88 13.09
N LEU A 112 -3.22 -10.03 12.34
CA LEU A 112 -3.13 -8.62 12.73
C LEU A 112 -4.50 -7.92 12.76
N ILE A 113 -5.30 -8.10 11.69
CA ILE A 113 -6.56 -7.38 11.62
C ILE A 113 -7.52 -7.84 12.71
N LYS A 114 -7.66 -9.16 12.92
CA LYS A 114 -8.68 -9.59 13.86
C LYS A 114 -8.39 -9.14 15.29
N GLU A 115 -7.12 -8.88 15.63
CA GLU A 115 -6.77 -8.43 16.97
C GLU A 115 -6.71 -6.92 17.08
N ALA A 116 -6.96 -6.19 15.98
CA ALA A 116 -6.82 -4.73 15.96
C ALA A 116 -8.18 -4.10 16.25
N GLY A 117 -8.28 -3.50 17.42
CA GLY A 117 -9.52 -2.90 17.92
C GLY A 117 -9.53 -1.38 17.93
N ASP A 118 -8.38 -0.76 18.14
CA ASP A 118 -8.32 0.69 18.10
C ASP A 118 -8.37 1.17 16.66
N ALA A 119 -8.99 2.34 16.46
CA ALA A 119 -9.11 2.84 15.10
C ALA A 119 -7.75 3.00 14.41
N GLU A 120 -6.75 3.52 15.12
CA GLU A 120 -5.47 3.78 14.49
C GLU A 120 -4.81 2.50 13.98
N SER A 121 -4.98 1.39 14.68
CA SER A 121 -4.40 0.16 14.19
C SER A 121 -5.29 -0.49 13.12
N ARG A 122 -6.59 -0.57 13.39
CA ARG A 122 -7.49 -1.26 12.47
C ARG A 122 -7.56 -0.56 11.11
N VAL A 123 -7.70 0.78 11.10
CA VAL A 123 -7.70 1.49 9.82
C VAL A 123 -6.37 1.30 9.10
N PHE A 124 -5.25 1.37 9.83
CA PHE A 124 -3.94 1.16 9.22
C PHE A 124 -3.86 -0.19 8.51
N TYR A 125 -4.27 -1.26 9.19
CA TYR A 125 -4.16 -2.59 8.59
C TYR A 125 -5.14 -2.78 7.44
N LEU A 126 -6.37 -2.25 7.55
CA LEU A 126 -7.30 -2.39 6.44
C LEU A 126 -6.84 -1.58 5.22
N LYS A 127 -6.23 -0.42 5.45
CA LYS A 127 -5.59 0.30 4.35
C LYS A 127 -4.53 -0.56 3.66
N MET A 128 -3.65 -1.19 4.45
CA MET A 128 -2.66 -2.11 3.88
C MET A 128 -3.33 -3.21 3.07
N LYS A 129 -4.41 -3.79 3.58
CA LYS A 129 -5.09 -4.85 2.87
C LYS A 129 -5.61 -4.35 1.52
N GLY A 130 -6.21 -3.16 1.50
CA GLY A 130 -6.61 -2.58 0.23
C GLY A 130 -5.43 -2.34 -0.70
N ASP A 131 -4.33 -1.82 -0.16
CA ASP A 131 -3.14 -1.52 -0.96
C ASP A 131 -2.59 -2.78 -1.65
N TYR A 132 -2.46 -3.88 -0.89
CA TYR A 132 -1.82 -5.08 -1.45
C TYR A 132 -2.76 -5.84 -2.37
N TYR A 133 -4.08 -5.76 -2.15
CA TYR A 133 -4.99 -6.25 -3.20
C TYR A 133 -4.92 -5.34 -4.44
N ARG A 134 -4.75 -4.03 -4.24
CA ARG A 134 -4.57 -3.13 -5.38
C ARG A 134 -3.34 -3.51 -6.21
N TYR A 135 -2.22 -3.81 -5.55
CA TYR A 135 -1.03 -4.21 -6.31
C TYR A 135 -1.27 -5.53 -7.04
N LEU A 136 -1.97 -6.48 -6.41
CA LEU A 136 -2.37 -7.69 -7.14
C LEU A 136 -3.24 -7.33 -8.34
N ALA A 137 -4.15 -6.38 -8.18
CA ALA A 137 -5.04 -5.99 -9.27
C ALA A 137 -4.26 -5.40 -10.45
N GLU A 138 -3.18 -4.67 -10.18
CA GLU A 138 -2.41 -4.03 -11.24
C GLU A 138 -1.88 -5.04 -12.24
N VAL A 139 -1.62 -6.27 -11.81
CA VAL A 139 -1.05 -7.31 -12.67
C VAL A 139 -2.04 -8.40 -13.03
N ALA A 140 -3.27 -8.32 -12.54
CA ALA A 140 -4.25 -9.36 -12.75
C ALA A 140 -4.87 -9.27 -14.13
N THR A 141 -5.14 -10.44 -14.70
CA THR A 141 -5.78 -10.54 -16.01
C THR A 141 -6.74 -11.72 -16.14
N GLY A 142 -6.91 -12.56 -15.11
CA GLY A 142 -7.61 -13.82 -15.24
C GLY A 142 -9.03 -13.80 -14.69
N ASP A 143 -9.58 -15.01 -14.52
CA ASP A 143 -10.94 -15.20 -14.00
C ASP A 143 -11.17 -14.48 -12.69
N ASP A 144 -10.10 -14.12 -11.96
CA ASP A 144 -10.22 -13.58 -10.61
C ASP A 144 -9.98 -12.08 -10.54
N LYS A 145 -9.75 -11.42 -11.67
CA LYS A 145 -9.41 -10.00 -11.64
C LYS A 145 -10.51 -9.19 -10.96
N LYS A 146 -11.76 -9.43 -11.32
CA LYS A 146 -12.82 -8.66 -10.70
C LYS A 146 -12.91 -8.96 -9.21
N ARG A 147 -12.66 -10.19 -8.80
CA ARG A 147 -12.75 -10.49 -7.38
C ARG A 147 -11.59 -9.84 -6.63
N ILE A 148 -10.40 -9.74 -7.26
CA ILE A 148 -9.28 -9.08 -6.61
C ILE A 148 -9.59 -7.59 -6.41
N ILE A 149 -10.14 -6.96 -7.46
CA ILE A 149 -10.54 -5.56 -7.37
C ILE A 149 -11.56 -5.38 -6.27
N ASP A 150 -12.53 -6.28 -6.17
CA ASP A 150 -13.55 -6.09 -5.15
C ASP A 150 -13.00 -6.34 -3.75
N SER A 151 -11.99 -7.21 -3.60
CA SER A 151 -11.34 -7.37 -2.30
C SER A 151 -10.63 -6.08 -1.87
N ALA A 152 -9.94 -5.43 -2.81
CA ALA A 152 -9.34 -4.13 -2.49
C ALA A 152 -10.40 -3.12 -2.07
N ARG A 153 -11.46 -3.02 -2.87
CA ARG A 153 -12.53 -2.06 -2.60
C ARG A 153 -13.14 -2.30 -1.22
N SER A 154 -13.42 -3.56 -0.90
CA SER A 154 -14.05 -3.90 0.37
C SER A 154 -13.18 -3.52 1.55
N ALA A 155 -11.87 -3.76 1.47
CA ALA A 155 -10.98 -3.41 2.57
C ALA A 155 -10.89 -1.90 2.75
N TYR A 156 -10.68 -1.17 1.64
CA TYR A 156 -10.65 0.28 1.68
C TYR A 156 -11.95 0.83 2.25
N GLN A 157 -13.10 0.26 1.86
CA GLN A 157 -14.38 0.79 2.32
C GLN A 157 -14.56 0.59 3.81
N GLU A 158 -14.20 -0.59 4.34
CA GLU A 158 -14.30 -0.78 5.78
C GLU A 158 -13.39 0.20 6.51
N ALA A 159 -12.17 0.40 6.00
CA ALA A 159 -11.26 1.37 6.58
C ALA A 159 -11.86 2.79 6.55
N MET A 160 -12.46 3.16 5.42
CA MET A 160 -13.06 4.48 5.28
C MET A 160 -14.18 4.65 6.32
N ASP A 161 -15.07 3.66 6.42
CA ASP A 161 -16.19 3.78 7.34
C ASP A 161 -15.70 3.99 8.77
N ILE A 162 -14.68 3.23 9.22
CA ILE A 162 -14.14 3.40 10.57
C ILE A 162 -13.50 4.77 10.72
N SER A 163 -12.71 5.19 9.73
CA SER A 163 -11.96 6.45 9.83
C SER A 163 -12.91 7.63 9.95
N LYS A 164 -14.03 7.60 9.22
CA LYS A 164 -14.97 8.72 9.28
C LYS A 164 -15.69 8.77 10.62
N LYS A 165 -15.90 7.63 11.28
CA LYS A 165 -16.58 7.62 12.58
C LYS A 165 -15.63 7.95 13.73
N GLU A 166 -14.36 7.52 13.64
CA GLU A 166 -13.47 7.46 14.79
C GLU A 166 -12.27 8.38 14.74
N MET A 167 -11.95 9.00 13.60
CA MET A 167 -10.81 9.87 13.50
C MET A 167 -11.20 11.26 13.00
N PRO A 168 -10.47 12.30 13.41
CA PRO A 168 -10.71 13.62 12.84
C PRO A 168 -10.30 13.67 11.40
N PRO A 169 -10.79 14.65 10.64
CA PRO A 169 -10.51 14.68 9.20
C PRO A 169 -9.08 14.98 8.87
N THR A 170 -8.27 15.45 9.82
CA THR A 170 -6.85 15.68 9.58
C THR A 170 -5.96 14.52 9.98
N ASN A 171 -6.51 13.44 10.55
CA ASN A 171 -5.67 12.34 10.98
C ASN A 171 -4.86 11.82 9.79
N PRO A 172 -3.53 11.74 9.88
CA PRO A 172 -2.75 11.36 8.70
C PRO A 172 -3.06 9.98 8.15
N ILE A 173 -3.48 9.03 9.01
CA ILE A 173 -3.88 7.72 8.51
C ILE A 173 -5.15 7.83 7.70
N ARG A 174 -6.12 8.59 8.20
CA ARG A 174 -7.35 8.85 7.44
C ARG A 174 -7.04 9.52 6.10
N LEU A 175 -6.14 10.50 6.10
CA LEU A 175 -5.78 11.18 4.86
C LEU A 175 -5.09 10.24 3.88
N GLY A 176 -4.14 9.44 4.36
CA GLY A 176 -3.42 8.54 3.47
C GLY A 176 -4.29 7.44 2.92
N LEU A 177 -5.22 6.96 3.75
CA LEU A 177 -6.21 6.01 3.26
C LEU A 177 -7.03 6.61 2.13
N ALA A 178 -7.53 7.83 2.32
CA ALA A 178 -8.34 8.49 1.28
C ALA A 178 -7.51 8.74 0.02
N LEU A 179 -6.26 9.19 0.16
CA LEU A 179 -5.36 9.33 -0.97
C LEU A 179 -5.30 8.05 -1.78
N ASN A 180 -5.04 6.94 -1.12
CA ASN A 180 -4.80 5.68 -1.85
C ASN A 180 -6.12 5.12 -2.42
N PHE A 181 -7.24 5.22 -1.67
CA PHE A 181 -8.53 4.77 -2.19
C PHE A 181 -8.92 5.59 -3.41
N SER A 182 -8.62 6.90 -3.37
CA SER A 182 -8.83 7.73 -4.55
C SER A 182 -8.02 7.24 -5.75
N VAL A 183 -6.74 6.90 -5.54
CA VAL A 183 -5.95 6.33 -6.64
C VAL A 183 -6.53 4.98 -7.11
N PHE A 184 -7.01 4.16 -6.19
CA PHE A 184 -7.69 2.92 -6.57
C PHE A 184 -8.84 3.23 -7.51
N HIS A 185 -9.67 4.22 -7.17
CA HIS A 185 -10.77 4.56 -8.05
C HIS A 185 -10.28 4.96 -9.43
N TYR A 186 -9.23 5.79 -9.50
CA TYR A 186 -8.77 6.34 -10.78
C TYR A 186 -8.11 5.26 -11.63
N GLU A 187 -7.20 4.49 -11.04
CA GLU A 187 -6.30 3.62 -11.81
C GLU A 187 -6.80 2.19 -11.95
N ILE A 188 -7.62 1.70 -11.02
CA ILE A 188 -8.04 0.31 -10.96
C ILE A 188 -9.51 0.14 -11.32
N ALA A 189 -10.38 0.96 -10.72
CA ALA A 189 -11.82 0.83 -10.86
C ALA A 189 -12.41 1.64 -12.01
N ASN A 190 -11.59 2.33 -12.79
CA ASN A 190 -12.05 3.11 -13.94
C ASN A 190 -13.14 4.09 -13.50
N SER A 191 -12.92 4.70 -12.35
CA SER A 191 -13.88 5.63 -11.73
C SER A 191 -13.20 6.96 -11.45
N PRO A 192 -12.72 7.66 -12.47
CA PRO A 192 -12.00 8.92 -12.21
C PRO A 192 -12.85 9.97 -11.50
N GLU A 193 -14.15 10.03 -11.77
CA GLU A 193 -14.97 11.02 -11.08
C GLU A 193 -15.03 10.75 -9.58
N GLU A 194 -15.16 9.48 -9.18
CA GLU A 194 -15.13 9.11 -7.78
C GLU A 194 -13.79 9.45 -7.16
N ALA A 195 -12.70 9.21 -7.90
CA ALA A 195 -11.36 9.54 -7.43
C ALA A 195 -11.21 11.02 -7.13
N ILE A 196 -11.68 11.86 -8.05
CA ILE A 196 -11.59 13.30 -7.90
C ILE A 196 -12.48 13.79 -6.76
N SER A 197 -13.74 13.32 -6.71
CA SER A 197 -14.63 13.70 -5.62
C SER A 197 -14.03 13.37 -4.26
N LEU A 198 -13.51 12.15 -4.11
CA LEU A 198 -12.97 11.73 -2.82
C LEU A 198 -11.77 12.60 -2.44
N ALA A 199 -10.85 12.83 -3.38
CA ALA A 199 -9.66 13.64 -3.05
C ALA A 199 -10.06 15.05 -2.66
N LYS A 200 -10.99 15.64 -3.40
CA LYS A 200 -11.38 17.03 -3.12
C LYS A 200 -12.09 17.16 -1.78
N THR A 201 -13.09 16.29 -1.52
CA THR A 201 -13.80 16.32 -0.25
C THR A 201 -12.87 16.07 0.93
N THR A 202 -11.95 15.11 0.79
CA THR A 202 -11.00 14.86 1.86
C THR A 202 -10.14 16.09 2.13
N PHE A 203 -9.64 16.72 1.06
CA PHE A 203 -8.79 17.91 1.21
C PHE A 203 -9.55 19.01 1.93
N ASP A 204 -10.78 19.26 1.49
CA ASP A 204 -11.55 20.39 2.03
C ASP A 204 -11.93 20.15 3.49
N GLU A 205 -12.30 18.92 3.85
CA GLU A 205 -12.66 18.66 5.25
C GLU A 205 -11.44 18.72 6.13
N ALA A 206 -10.28 18.35 5.61
CA ALA A 206 -9.05 18.48 6.38
C ALA A 206 -8.69 19.95 6.59
N MET A 207 -8.74 20.75 5.52
CA MET A 207 -8.48 22.18 5.62
C MET A 207 -9.23 22.81 6.78
N ALA A 208 -10.52 22.49 6.90
CA ALA A 208 -11.38 23.09 7.90
C ALA A 208 -11.06 22.65 9.32
N ASP A 209 -10.26 21.60 9.50
CA ASP A 209 -9.91 21.08 10.81
C ASP A 209 -8.47 21.44 11.22
N LEU A 210 -7.68 22.03 10.32
CA LEU A 210 -6.29 22.36 10.62
C LEU A 210 -6.17 23.28 11.83
N HIS A 211 -7.18 24.13 12.09
CA HIS A 211 -7.07 25.12 13.17
C HIS A 211 -6.97 24.47 14.53
N THR A 212 -7.33 23.19 14.66
CA THR A 212 -7.30 22.49 15.93
C THR A 212 -5.94 21.91 16.26
N LEU A 213 -5.00 21.96 15.35
CA LEU A 213 -3.76 21.20 15.44
C LEU A 213 -2.58 22.01 15.98
N SER A 214 -1.67 21.30 16.63
CA SER A 214 -0.36 21.81 16.96
C SER A 214 0.48 22.00 15.70
N GLU A 215 1.63 22.67 15.87
CA GLU A 215 2.51 22.88 14.72
C GLU A 215 2.96 21.55 14.13
N ASP A 216 3.28 20.58 14.99
CA ASP A 216 3.82 19.32 14.47
C ASP A 216 2.72 18.50 13.79
N SER A 217 1.51 18.51 14.37
CA SER A 217 0.40 17.79 13.73
C SER A 217 0.02 18.48 12.42
N TYR A 218 0.04 19.82 12.42
CA TYR A 218 -0.20 20.57 11.19
C TYR A 218 0.76 20.15 10.09
N LYS A 219 2.05 20.01 10.39
CA LYS A 219 3.00 19.60 9.37
C LYS A 219 2.67 18.22 8.81
N ASP A 220 2.33 17.28 9.70
CA ASP A 220 1.99 15.92 9.26
C ASP A 220 0.78 15.92 8.34
N SER A 221 -0.26 16.64 8.71
CA SER A 221 -1.48 16.62 7.93
C SER A 221 -1.32 17.36 6.61
N THR A 222 -0.67 18.53 6.63
CA THR A 222 -0.57 19.29 5.39
C THR A 222 0.33 18.57 4.37
N LEU A 223 1.28 17.74 4.83
CA LEU A 223 2.08 16.96 3.91
C LEU A 223 1.20 16.06 3.06
N ILE A 224 0.28 15.33 3.68
CA ILE A 224 -0.56 14.43 2.90
C ILE A 224 -1.58 15.22 2.11
N MET A 225 -2.04 16.35 2.65
CA MET A 225 -2.99 17.19 1.93
C MET A 225 -2.37 17.66 0.61
N GLN A 226 -1.05 17.95 0.61
CA GLN A 226 -0.38 18.35 -0.61
C GLN A 226 -0.36 17.23 -1.64
N LEU A 227 -0.23 15.98 -1.21
CA LEU A 227 -0.33 14.85 -2.13
C LEU A 227 -1.72 14.75 -2.76
N LEU A 228 -2.77 14.96 -1.97
CA LEU A 228 -4.11 15.00 -2.53
C LEU A 228 -4.22 16.10 -3.60
N ARG A 229 -3.70 17.30 -3.30
CA ARG A 229 -3.72 18.37 -4.28
C ARG A 229 -2.92 18.01 -5.51
N ASP A 230 -1.77 17.35 -5.32
CA ASP A 230 -0.93 16.97 -6.45
C ASP A 230 -1.72 16.06 -7.40
N ASN A 231 -2.43 15.08 -6.85
CA ASN A 231 -3.19 14.18 -7.69
C ASN A 231 -4.33 14.91 -8.38
N LEU A 232 -5.05 15.76 -7.65
CA LEU A 232 -6.10 16.56 -8.28
C LEU A 232 -5.56 17.37 -9.44
N THR A 233 -4.37 17.95 -9.28
CA THR A 233 -3.77 18.71 -10.37
C THR A 233 -3.44 17.81 -11.56
N LEU A 234 -2.99 16.59 -11.27
CA LEU A 234 -2.71 15.64 -12.33
C LEU A 234 -3.96 15.27 -13.11
N TRP A 235 -5.12 15.30 -12.46
CA TRP A 235 -6.33 14.70 -12.99
C TRP A 235 -7.34 15.71 -13.54
N THR A 236 -7.07 17.00 -13.38
CA THR A 236 -8.03 18.03 -13.78
C THR A 236 -7.36 19.17 -14.55
N PHE B 1 2.97 8.44 -12.53
CA PHE B 1 1.98 7.82 -11.63
C PHE B 1 1.50 8.80 -10.55
N PRO B 2 0.30 8.58 -10.04
CA PRO B 2 -0.19 9.42 -8.94
C PRO B 2 0.43 9.02 -7.61
N ALA B 3 0.33 9.95 -6.65
CA ALA B 3 0.89 9.74 -5.34
C ALA B 3 0.04 8.84 -4.45
N TPO B 4 0.72 7.90 -3.80
CA TPO B 4 0.17 7.04 -2.75
CB TPO B 4 -0.15 5.60 -3.27
CG2 TPO B 4 -1.26 5.67 -4.29
OG1 TPO B 4 1.11 5.15 -3.80
P TPO B 4 1.21 3.59 -4.18
O1P TPO B 4 2.79 3.36 -4.26
O2P TPO B 4 0.57 3.37 -5.50
O3P TPO B 4 0.59 2.74 -3.03
C TPO B 4 1.18 7.00 -1.60
O TPO B 4 2.40 7.26 -1.79
HA TPO B 4 -0.68 7.40 -2.42
HB TPO B 4 -0.50 4.92 -2.50
HG21 TPO B 4 -0.95 6.29 -5.13
HG22 TPO B 4 -2.15 6.10 -3.83
HG23 TPO B 4 -1.48 4.67 -4.65
N VAL B 5 0.68 6.71 -0.41
CA VAL B 5 1.53 6.58 0.77
C VAL B 5 1.37 5.27 1.51
C02 RZC C . 10.41 4.54 10.13
C04 RZC C . 9.23 5.02 10.94
C05 RZC C . 8.18 5.79 10.36
C06 RZC C . 7.16 6.12 11.42
C07 RZC C . 5.90 6.92 11.14
C08 RZC C . 4.94 7.02 12.12
C09 RZC C . 3.78 7.73 11.89
C10 RZC C . 3.59 8.33 10.66
C11 RZC C . 4.56 8.23 9.67
C13 RZC C . 4.87 8.55 7.13
C14 RZC C . 4.39 9.37 5.94
C15 RZC C . 4.68 8.63 4.62
C17 RZC C . 2.04 8.57 6.13
C18 RZC C . 0.72 8.98 6.23
C19 RZC C . -0.34 8.09 6.30
C20 RZC C . -0.05 6.74 6.29
C22 RZC C . 1.26 6.30 6.19
C24 RZC C . 2.32 7.19 6.11
C25 RZC C . 5.08 10.72 5.94
C27 RZC C . 5.72 7.51 9.90
C28 RZC C . 7.51 5.55 12.68
N01 RZC C . 10.33 4.68 8.89
N03 RZC C . 11.57 3.99 10.79
N12 RZC C . 4.27 8.90 8.40
O16 RZC C . 3.01 9.60 6.06
O26 RZC C . 5.66 7.67 6.99
S29 RZC C . 8.91 4.75 12.51
CL1 RZC C . -1.39 5.56 6.40
CL2 RZC C . 1.57 4.55 6.19
H051 RZC C . 8.14 6.05 9.47
H081 RZC C . 5.07 6.60 12.94
H091 RZC C . 3.13 7.80 12.55
H101 RZC C . 2.81 8.80 10.50
H153 RZC C . 5.56 8.90 4.29
H151 RZC C . 4.02 8.88 3.96
H152 RZC C . 4.66 7.68 4.77
H181 RZC C . 0.53 9.90 6.24
H191 RZC C . -1.22 8.39 6.36
H241 RZC C . 3.20 6.90 6.06
H251 RZC C . 4.63 11.31 6.57
H252 RZC C . 5.04 11.11 5.05
H253 RZC C . 6.00 10.61 6.22
H271 RZC C . 6.37 7.43 9.23
H281 RZC C . 7.02 5.62 13.47
H011 RZC C . 10.98 4.42 8.36
H032 RZC C . 11.59 3.92 11.66
H121 RZC C . 3.71 9.54 8.42
H031 RZC C . 12.24 3.72 10.32
#